data_2XHI
#
_entry.id   2XHI
#
_cell.length_a   92.669
_cell.length_b   92.669
_cell.length_c   210.986
_cell.angle_alpha   90.00
_cell.angle_beta   90.00
_cell.angle_gamma   120.00
#
_symmetry.space_group_name_H-M   'P 65 2 2'
#
loop_
_entity.id
_entity.type
_entity.pdbx_description
1 polymer 'N-GLYCOSYLASE/DNA LYASE'
2 polymer "5'-D(*GP*GP*TP*AP*GP*AP*CP*CP*TP*GP*GP*AP*CP*GP*C)-3'"
3 polymer "5'-D(*GP*CP*GP*TP*CP*CP*AP*(8OG)P*GP*TP*CP*TP*AP*CP*C)-3'"
4 non-polymer 'CALCIUM ION'
5 water water
#
loop_
_entity_poly.entity_id
_entity_poly.type
_entity_poly.pdbx_seq_one_letter_code
_entity_poly.pdbx_strand_id
1 'polypeptide(L)'
;MGSHHHHHHSQDPNSMPARALLPRRMGHRTLASTPALWASIPCPRSELRLDLVLPSGQSFRWREQSPAHWSGVLADQVWT
LTQTEEQLHCTVYRGDKSQASRPTPDELEAVRKYFQLDVTLAQLYHHWGSVDSHFQEVAQKFQGVRLLRQDPIECLFSFI
CSSNNNIARITGMVERLCQAFGPRLIQLDDVTYHGFPSLQALAGPEVEAHLRKLGLGYRARYVSASARAILEEQGGLAWL
QQLRESSYEEAHKALCILPGVGTCVADKICLMALDKPQAVPVNVHMWHIAQRDYSWHPTTSQAKGPSPQTNKELGNFFRS
LWGPYAGWAQAVLFSADLRQSRHAQEPPAKRRKGSKGPEG
;
A
2 'polydeoxyribonucleotide' (DG)(DG)(DT)(DA)(DG)(DA)(DC)(DC)(DT)(DG)(DG)(DA)(DC)(DG)(DC) B
3 'polydeoxyribonucleotide' (DG)(DC)(DG)(DT)(DC)(DC)(DA)(8OG)(DG)(DT)(DC)(DT)(DA)(DC)(DC) C
#
loop_
_chem_comp.id
_chem_comp.type
_chem_comp.name
_chem_comp.formula
8OG DNA linking 8-OXO-2'-DEOXY-GUANOSINE-5'-MONOPHOSPHATE 'C10 H14 N5 O8 P'
CA non-polymer 'CALCIUM ION' 'Ca 2'
DA DNA linking 2'-DEOXYADENOSINE-5'-MONOPHOSPHATE 'C10 H14 N5 O6 P'
DC DNA linking 2'-DEOXYCYTIDINE-5'-MONOPHOSPHATE 'C9 H14 N3 O7 P'
DG DNA linking 2'-DEOXYGUANOSINE-5'-MONOPHOSPHATE 'C10 H14 N5 O7 P'
DT DNA linking THYMIDINE-5'-MONOPHOSPHATE 'C10 H15 N2 O8 P'
#
# COMPACT_ATOMS: atom_id res chain seq x y z
N ARG A 25 -1.23 -28.03 -12.37
CA ARG A 25 -0.63 -27.46 -13.62
C ARG A 25 -1.30 -26.11 -14.05
N MET A 26 -2.52 -26.11 -14.59
CA MET A 26 -3.15 -24.84 -15.00
C MET A 26 -3.89 -24.14 -13.86
N GLY A 27 -4.07 -22.85 -13.99
CA GLY A 27 -4.88 -22.07 -13.07
C GLY A 27 -4.05 -21.55 -11.91
N HIS A 28 -4.70 -20.73 -11.09
CA HIS A 28 -4.09 -20.22 -9.84
C HIS A 28 -3.94 -21.40 -8.89
N ARG A 29 -2.79 -21.45 -8.23
CA ARG A 29 -2.48 -22.56 -7.32
C ARG A 29 -3.20 -22.39 -5.99
N THR A 30 -3.46 -23.52 -5.35
CA THR A 30 -3.93 -23.50 -3.95
C THR A 30 -3.00 -24.44 -3.18
N LEU A 31 -3.03 -24.31 -1.85
CA LEU A 31 -2.13 -25.03 -0.98
C LEU A 31 -2.42 -26.54 -1.09
N ALA A 32 -3.70 -26.85 -1.30
CA ALA A 32 -4.13 -28.25 -1.46
C ALA A 32 -3.80 -28.84 -2.84
N SER A 33 -3.94 -28.02 -3.88
CA SER A 33 -3.86 -28.48 -5.28
C SER A 33 -2.42 -28.69 -5.79
N THR A 34 -1.45 -27.95 -5.21
CA THR A 34 -0.05 -28.07 -5.59
C THR A 34 0.88 -28.05 -4.38
N PRO A 35 0.71 -29.01 -3.45
CA PRO A 35 1.47 -29.00 -2.16
C PRO A 35 3.00 -28.79 -2.32
N ALA A 36 3.55 -29.35 -3.39
CA ALA A 36 4.99 -29.38 -3.54
C ALA A 36 5.61 -28.05 -3.99
N LEU A 37 4.76 -27.15 -4.48
CA LEU A 37 5.26 -25.86 -4.94
C LEU A 37 5.13 -24.72 -3.90
N TRP A 38 4.83 -25.04 -2.64
CA TRP A 38 4.75 -23.99 -1.58
C TRP A 38 5.92 -24.04 -0.63
N ALA A 39 6.34 -22.86 -0.14
CA ALA A 39 7.29 -22.78 0.99
C ALA A 39 6.64 -21.89 2.03
N SER A 40 7.09 -21.97 3.27
CA SER A 40 6.50 -21.17 4.31
C SER A 40 7.51 -20.27 5.05
N ILE A 41 6.91 -19.28 5.69
CA ILE A 41 7.59 -18.30 6.51
C ILE A 41 6.81 -18.33 7.85
N PRO A 42 7.56 -18.58 8.96
CA PRO A 42 6.84 -18.59 10.23
C PRO A 42 6.28 -17.21 10.48
N CYS A 43 4.98 -17.18 10.77
CA CYS A 43 4.24 -15.92 10.85
C CYS A 43 2.89 -16.18 11.48
N PRO A 44 2.75 -15.79 12.76
CA PRO A 44 1.49 -15.97 13.49
C PRO A 44 0.46 -14.96 12.96
N ARG A 45 -0.82 -15.28 13.17
CA ARG A 45 -1.89 -14.30 12.82
C ARG A 45 -1.84 -12.98 13.58
N SER A 46 -1.30 -12.98 14.81
CA SER A 46 -0.94 -11.74 15.46
C SER A 46 -0.01 -10.81 14.74
N GLU A 47 0.81 -11.36 13.82
CA GLU A 47 1.73 -10.58 13.12
C GLU A 47 1.17 -10.17 11.72
N LEU A 48 0.23 -10.96 11.22
CA LEU A 48 -0.29 -10.64 9.82
C LEU A 48 -1.61 -11.33 9.58
N ARG A 49 -2.62 -10.57 9.14
CA ARG A 49 -3.85 -11.14 8.56
C ARG A 49 -3.93 -10.65 7.12
N LEU A 50 -3.65 -11.56 6.16
CA LEU A 50 -3.73 -11.13 4.74
C LEU A 50 -5.07 -10.51 4.43
N ASP A 51 -6.16 -11.09 4.97
CA ASP A 51 -7.49 -10.55 4.59
C ASP A 51 -7.74 -9.15 5.13
N LEU A 52 -6.97 -8.72 6.15
CA LEU A 52 -7.16 -7.34 6.63
C LEU A 52 -6.12 -6.36 6.11
N VAL A 53 -5.07 -6.87 5.44
CA VAL A 53 -4.01 -6.03 4.97
C VAL A 53 -4.15 -5.81 3.44
N LEU A 54 -4.30 -6.89 2.71
CA LEU A 54 -4.20 -6.78 1.23
C LEU A 54 -5.33 -6.07 0.48
N PRO A 55 -6.58 -6.09 1.00
CA PRO A 55 -7.65 -5.42 0.22
C PRO A 55 -8.04 -4.08 0.90
N SER A 56 -7.21 -3.56 1.79
CA SER A 56 -7.62 -2.44 2.64
C SER A 56 -7.05 -1.06 2.21
N GLY A 57 -6.57 -0.95 0.96
CA GLY A 57 -6.06 0.32 0.43
C GLY A 57 -4.63 0.67 0.77
N GLN A 58 -3.82 -0.35 1.04
CA GLN A 58 -2.32 -0.14 1.12
C GLN A 58 -1.82 -0.42 -0.29
N SER A 59 -1.95 -1.67 -0.74
CA SER A 59 -1.59 -2.06 -2.16
C SER A 59 -2.94 -2.32 -2.82
N PHE A 60 -3.05 -2.06 -4.13
CA PHE A 60 -4.23 -2.33 -4.92
C PHE A 60 -3.97 -3.52 -5.83
N ARG A 61 -2.87 -4.21 -5.58
CA ARG A 61 -2.31 -5.24 -6.58
C ARG A 61 -2.72 -6.68 -6.26
N TRP A 62 -3.58 -6.89 -5.26
CA TRP A 62 -3.83 -8.27 -4.78
C TRP A 62 -5.31 -8.61 -4.91
N ARG A 63 -5.59 -9.84 -5.30
CA ARG A 63 -7.00 -10.35 -5.32
C ARG A 63 -7.11 -11.70 -4.80
N GLU A 64 -8.23 -11.96 -4.12
CA GLU A 64 -8.43 -13.21 -3.53
C GLU A 64 -9.06 -14.17 -4.60
N GLN A 65 -8.20 -14.74 -5.42
CA GLN A 65 -8.74 -15.42 -6.64
C GLN A 65 -9.33 -16.77 -6.31
N SER A 66 -8.91 -17.39 -5.20
CA SER A 66 -9.50 -18.63 -4.61
C SER A 66 -9.73 -18.24 -3.13
N PRO A 67 -10.69 -18.86 -2.45
CA PRO A 67 -10.95 -18.45 -1.04
C PRO A 67 -9.67 -18.62 -0.21
N ALA A 68 -9.33 -17.52 0.50
CA ALA A 68 -8.17 -17.43 1.40
C ALA A 68 -6.83 -17.36 0.69
N HIS A 69 -6.83 -17.36 -0.68
CA HIS A 69 -5.57 -17.33 -1.43
C HIS A 69 -5.48 -16.03 -2.23
N TRP A 70 -4.41 -15.28 -1.94
CA TRP A 70 -4.23 -13.95 -2.53
C TRP A 70 -3.13 -13.88 -3.57
N SER A 71 -3.50 -13.45 -4.79
CA SER A 71 -2.52 -13.41 -5.88
C SER A 71 -2.27 -12.00 -6.37
N GLY A 72 -1.00 -11.76 -6.70
CA GLY A 72 -0.57 -10.44 -7.16
C GLY A 72 0.92 -10.42 -7.42
N VAL A 73 1.40 -9.26 -7.84
CA VAL A 73 2.79 -9.08 -8.23
C VAL A 73 3.60 -8.50 -7.02
N LEU A 74 4.69 -9.18 -6.69
CA LEU A 74 5.54 -8.81 -5.55
C LEU A 74 6.95 -8.99 -6.08
N ALA A 75 7.71 -7.89 -6.00
CA ALA A 75 9.08 -7.86 -6.52
C ALA A 75 9.17 -8.38 -7.97
N ASP A 76 8.29 -7.86 -8.86
CA ASP A 76 8.27 -8.27 -10.33
C ASP A 76 7.98 -9.75 -10.72
N GLN A 77 7.42 -10.50 -9.81
CA GLN A 77 6.98 -11.84 -10.14
C GLN A 77 5.58 -11.96 -9.58
N VAL A 78 4.82 -12.91 -10.11
CA VAL A 78 3.52 -13.21 -9.52
C VAL A 78 3.67 -14.21 -8.41
N TRP A 79 2.91 -13.98 -7.30
CA TRP A 79 2.86 -14.88 -6.15
C TRP A 79 1.45 -15.17 -5.77
N THR A 80 1.19 -16.33 -5.19
CA THR A 80 -0.02 -16.57 -4.42
C THR A 80 0.40 -16.84 -2.95
N LEU A 81 -0.37 -16.25 -2.05
CA LEU A 81 -0.10 -16.29 -0.59
C LEU A 81 -1.34 -16.80 0.10
N THR A 82 -1.10 -17.65 1.14
CA THR A 82 -2.21 -18.04 1.96
C THR A 82 -1.66 -18.37 3.37
N GLN A 83 -2.52 -18.41 4.38
CA GLN A 83 -1.94 -18.66 5.73
C GLN A 83 -2.70 -19.68 6.50
N THR A 84 -1.94 -20.41 7.31
CA THR A 84 -2.53 -21.17 8.41
C THR A 84 -2.30 -20.38 9.72
N GLU A 85 -2.63 -20.98 10.88
CA GLU A 85 -2.47 -20.22 12.13
C GLU A 85 -1.04 -19.72 12.42
N GLU A 86 -0.04 -20.54 12.07
CA GLU A 86 1.29 -20.10 12.42
C GLU A 86 2.22 -19.81 11.24
N GLN A 87 1.73 -20.01 9.99
CA GLN A 87 2.63 -19.97 8.84
C GLN A 87 2.03 -19.08 7.71
N LEU A 88 2.90 -18.35 7.04
CA LEU A 88 2.52 -17.70 5.77
C LEU A 88 3.08 -18.63 4.65
N HIS A 89 2.18 -19.14 3.80
CA HIS A 89 2.51 -20.11 2.73
C HIS A 89 2.65 -19.30 1.43
N CYS A 90 3.76 -19.53 0.70
CA CYS A 90 4.08 -18.68 -0.52
C CYS A 90 4.37 -19.60 -1.69
N THR A 91 3.91 -19.15 -2.86
CA THR A 91 4.18 -19.92 -4.13
C THR A 91 4.47 -18.82 -5.17
N VAL A 92 5.40 -19.09 -6.07
CA VAL A 92 5.86 -18.10 -7.06
C VAL A 92 5.79 -18.67 -8.46
N TYR A 93 5.30 -17.85 -9.38
CA TYR A 93 5.16 -18.23 -10.82
C TYR A 93 6.18 -17.39 -11.58
N ARG A 94 7.12 -18.08 -12.19
CA ARG A 94 8.23 -17.39 -12.84
C ARG A 94 8.05 -17.11 -14.36
N GLY A 95 7.22 -17.86 -15.06
CA GLY A 95 7.19 -17.72 -16.55
C GLY A 95 6.08 -18.44 -17.28
N ASP A 96 7.74 -19.37 -17.75
CA ASP A 96 7.71 -20.64 -18.45
C ASP A 96 9.12 -21.21 -18.64
N LYS A 97 10.10 -20.52 -18.07
CA LYS A 97 11.49 -20.69 -18.47
C LYS A 97 12.14 -21.84 -17.70
N SER A 98 11.99 -21.84 -16.38
CA SER A 98 11.95 -23.07 -15.61
C SER A 98 10.51 -23.47 -15.29
N GLN A 99 10.42 -24.23 -15.42
CA GLN A 99 9.89 -25.39 -14.69
C GLN A 99 9.45 -25.01 -13.25
N ALA A 100 8.22 -25.37 -12.92
CA ALA A 100 7.61 -24.96 -11.63
C ALA A 100 8.41 -25.49 -10.45
N SER A 101 8.68 -24.67 -9.44
CA SER A 101 9.30 -25.18 -8.25
C SER A 101 8.99 -24.24 -7.08
N ARG A 102 9.25 -24.71 -5.87
CA ARG A 102 9.09 -23.94 -4.61
C ARG A 102 9.87 -22.64 -4.69
N PRO A 103 9.42 -21.64 -3.92
CA PRO A 103 10.24 -20.42 -3.86
C PRO A 103 11.62 -20.72 -3.24
N THR A 104 12.63 -20.00 -3.68
CA THR A 104 14.01 -20.09 -3.12
C THR A 104 14.10 -19.25 -1.84
N PRO A 105 15.12 -19.52 -0.97
CA PRO A 105 15.29 -18.66 0.18
C PRO A 105 15.37 -17.20 -0.15
N ASP A 106 16.07 -16.83 -1.24
CA ASP A 106 16.13 -15.41 -1.63
C ASP A 106 14.75 -14.89 -1.99
N GLU A 107 13.96 -15.67 -2.72
CA GLU A 107 12.61 -15.22 -3.08
C GLU A 107 11.76 -15.04 -1.81
N LEU A 108 11.84 -15.97 -0.89
CA LEU A 108 11.12 -15.83 0.39
C LEU A 108 11.53 -14.59 1.16
N GLU A 109 12.82 -14.22 1.10
CA GLU A 109 13.28 -12.96 1.70
C GLU A 109 12.62 -11.71 1.14
N ALA A 110 12.29 -11.74 -0.16
CA ALA A 110 11.59 -10.66 -0.81
C ALA A 110 10.17 -10.49 -0.21
N VAL A 111 9.54 -11.62 0.08
CA VAL A 111 8.19 -11.62 0.71
C VAL A 111 8.31 -11.03 2.16
N ARG A 112 9.37 -11.46 2.85
CA ARG A 112 9.57 -10.95 4.23
C ARG A 112 9.79 -9.46 4.22
N LYS A 113 10.52 -8.92 3.27
CA LYS A 113 10.81 -7.51 3.16
C LYS A 113 9.54 -6.71 2.80
N TYR A 114 8.71 -7.29 1.93
CA TYR A 114 7.52 -6.60 1.51
C TYR A 114 6.51 -6.47 2.68
N PHE A 115 6.44 -7.51 3.50
CA PHE A 115 5.59 -7.48 4.69
C PHE A 115 6.32 -6.85 5.91
N GLN A 116 7.58 -6.48 5.69
CA GLN A 116 8.35 -5.84 6.83
C GLN A 116 8.31 -6.73 8.07
N LEU A 117 8.56 -8.03 7.97
CA LEU A 117 8.28 -8.97 9.03
C LEU A 117 9.27 -8.85 10.25
N ASP A 118 10.31 -8.08 10.04
CA ASP A 118 11.28 -7.78 11.19
C ASP A 118 10.60 -6.86 12.16
N VAL A 119 9.57 -6.14 11.73
CA VAL A 119 8.85 -5.27 12.70
C VAL A 119 7.84 -6.16 13.41
N THR A 120 7.88 -6.24 14.75
CA THR A 120 7.08 -7.13 15.53
C THR A 120 5.81 -6.36 15.85
N LEU A 121 4.73 -6.63 15.10
CA LEU A 121 3.44 -6.04 15.29
C LEU A 121 2.90 -6.23 16.68
N ALA A 122 3.08 -7.41 17.31
CA ALA A 122 2.53 -7.64 18.68
C ALA A 122 3.14 -6.57 19.63
N GLN A 123 4.42 -6.24 19.44
CA GLN A 123 5.02 -5.21 20.31
C GLN A 123 4.35 -3.86 20.13
N LEU A 124 4.11 -3.45 18.88
CA LEU A 124 3.50 -2.13 18.58
C LEU A 124 2.09 -2.15 19.12
N TYR A 125 1.29 -3.23 18.87
CA TYR A 125 -0.12 -3.28 19.39
C TYR A 125 -0.12 -3.10 20.91
N HIS A 126 0.86 -3.74 21.56
CA HIS A 126 0.93 -3.59 23.03
C HIS A 126 1.19 -2.15 23.42
N HIS A 127 2.13 -1.46 22.79
CA HIS A 127 2.45 -0.08 23.10
C HIS A 127 1.23 0.79 22.81
N TRP A 128 0.62 0.66 21.60
CA TRP A 128 -0.44 1.59 21.29
C TRP A 128 -1.63 1.35 22.26
N GLY A 129 -1.92 0.11 22.61
CA GLY A 129 -3.09 -0.20 23.50
C GLY A 129 -2.80 0.33 24.90
N SER A 130 -1.53 0.40 25.26
CA SER A 130 -1.16 0.96 26.60
C SER A 130 -1.33 2.47 26.74
N VAL A 131 -1.19 3.21 25.69
CA VAL A 131 -1.40 4.65 25.66
C VAL A 131 -2.77 5.06 25.16
N ASP A 132 -3.56 4.10 24.70
CA ASP A 132 -4.78 4.49 24.02
C ASP A 132 -5.79 3.45 24.23
N SER A 133 -6.68 3.70 25.21
CA SER A 133 -7.68 2.75 25.52
C SER A 133 -8.67 2.37 24.43
N HIS A 134 -8.91 3.30 23.49
CA HIS A 134 -9.82 2.94 22.41
C HIS A 134 -9.06 2.00 21.40
N PHE A 135 -7.80 2.32 21.13
CA PHE A 135 -7.01 1.42 20.27
C PHE A 135 -7.03 0.04 20.84
N GLN A 136 -6.84 -0.05 22.14
CA GLN A 136 -6.82 -1.36 22.75
C GLN A 136 -8.10 -2.14 22.48
N GLU A 137 -9.26 -1.47 22.55
CA GLU A 137 -10.49 -2.16 22.23
C GLU A 137 -10.56 -2.62 20.75
N VAL A 138 -10.21 -1.76 19.81
CA VAL A 138 -10.28 -2.13 18.37
C VAL A 138 -9.31 -3.25 18.04
N ALA A 139 -8.11 -3.16 18.59
CA ALA A 139 -7.00 -4.09 18.35
C ALA A 139 -7.47 -5.49 18.58
N GLN A 140 -8.37 -5.66 19.54
CA GLN A 140 -8.73 -7.01 19.91
C GLN A 140 -9.46 -7.74 18.79
N LYS A 141 -10.24 -7.03 17.99
CA LYS A 141 -10.94 -7.58 16.84
C LYS A 141 -10.14 -7.52 15.52
N PHE A 142 -9.11 -6.68 15.45
CA PHE A 142 -8.40 -6.45 14.18
C PHE A 142 -6.92 -6.74 14.36
N GLN A 143 -6.58 -8.00 14.57
CA GLN A 143 -5.16 -8.34 14.84
C GLN A 143 -4.50 -8.48 13.46
N GLY A 144 -3.21 -8.25 13.45
CA GLY A 144 -2.44 -8.60 12.22
C GLY A 144 -2.49 -7.55 11.14
N VAL A 145 -2.90 -6.35 11.45
CA VAL A 145 -2.87 -5.25 10.45
C VAL A 145 -1.53 -4.62 10.52
N ARG A 146 -0.64 -5.04 9.63
CA ARG A 146 0.65 -4.42 9.55
C ARG A 146 0.81 -3.63 8.23
N LEU A 147 1.94 -3.00 8.02
CA LEU A 147 2.07 -2.13 6.87
C LEU A 147 3.04 -2.74 5.87
N LEU A 148 2.65 -2.71 4.59
CA LEU A 148 3.57 -3.22 3.56
C LEU A 148 4.64 -2.16 3.33
N ARG A 149 5.78 -2.64 2.78
CA ARG A 149 6.84 -1.75 2.31
C ARG A 149 6.85 -1.85 0.80
N GLN A 150 6.29 -0.82 0.22
CA GLN A 150 5.99 -0.75 -1.23
C GLN A 150 7.12 -0.11 -2.04
N ASP A 151 7.25 -0.54 -3.29
CA ASP A 151 8.11 0.18 -4.21
C ASP A 151 7.68 1.63 -4.39
N PRO A 152 8.64 2.60 -4.33
CA PRO A 152 8.23 3.95 -4.48
C PRO A 152 7.41 4.40 -5.69
N ILE A 153 7.78 3.97 -6.97
CA ILE A 153 7.00 4.35 -8.13
C ILE A 153 5.57 3.79 -8.11
N GLU A 154 5.48 2.49 -7.78
CA GLU A 154 4.14 1.86 -7.72
C GLU A 154 3.21 2.57 -6.64
N CYS A 155 3.81 2.84 -5.47
CA CYS A 155 3.09 3.56 -4.40
C CYS A 155 2.70 4.97 -4.81
N LEU A 156 3.67 5.71 -5.40
CA LEU A 156 3.40 7.08 -5.83
C LEU A 156 2.23 7.14 -6.77
N PHE A 157 2.32 6.39 -7.90
CA PHE A 157 1.25 6.48 -8.85
C PHE A 157 -0.09 5.88 -8.50
N SER A 158 -0.02 4.81 -7.70
CA SER A 158 -1.26 4.25 -7.23
C SER A 158 -2.02 5.22 -6.30
N PHE A 159 -1.25 5.86 -5.41
CA PHE A 159 -1.91 6.88 -4.56
C PHE A 159 -2.35 8.17 -5.28
N ILE A 160 -1.62 8.55 -6.36
CA ILE A 160 -2.16 9.57 -7.21
C ILE A 160 -3.53 9.16 -7.72
N CYS A 161 -3.72 7.89 -8.12
CA CYS A 161 -5.01 7.42 -8.60
C CYS A 161 -6.10 7.33 -7.51
N SER A 162 -5.67 7.40 -6.25
CA SER A 162 -6.57 7.17 -5.10
C SER A 162 -7.33 8.37 -4.62
N SER A 163 -6.95 9.57 -5.05
CA SER A 163 -7.52 10.79 -4.41
C SER A 163 -9.00 10.98 -4.79
N ASN A 164 -9.81 11.38 -3.81
CA ASN A 164 -11.23 11.60 -4.07
C ASN A 164 -11.96 10.43 -4.81
N ASN A 165 -11.83 9.23 -4.23
CA ASN A 165 -12.13 8.03 -4.98
C ASN A 165 -12.32 6.92 -3.96
N ASN A 166 -12.79 5.78 -4.43
CA ASN A 166 -12.98 4.62 -3.58
C ASN A 166 -12.15 3.40 -3.96
N ILE A 167 -11.78 2.57 -2.99
CA ILE A 167 -10.83 1.46 -3.21
C ILE A 167 -11.23 0.54 -4.39
N ALA A 168 -12.52 0.20 -4.53
CA ALA A 168 -12.90 -0.77 -5.60
C ALA A 168 -12.56 -0.10 -6.98
N ARG A 169 -12.94 1.17 -7.09
CA ARG A 169 -12.59 1.87 -8.41
C ARG A 169 -11.11 2.01 -8.60
N ILE A 170 -10.42 2.51 -7.57
CA ILE A 170 -8.98 2.66 -7.66
C ILE A 170 -8.30 1.33 -8.10
N THR A 171 -8.72 0.17 -7.50
CA THR A 171 -8.18 -1.12 -7.86
C THR A 171 -8.28 -1.43 -9.38
N GLY A 172 -9.46 -1.19 -9.92
CA GLY A 172 -9.62 -1.34 -11.39
C GLY A 172 -8.77 -0.38 -12.20
N MET A 173 -8.69 0.89 -11.80
CA MET A 173 -7.82 1.88 -12.50
C MET A 173 -6.34 1.47 -12.54
N VAL A 174 -5.82 0.98 -11.42
CA VAL A 174 -4.48 0.52 -11.33
C VAL A 174 -4.22 -0.73 -12.24
N GLU A 175 -5.19 -1.65 -12.25
CA GLU A 175 -5.10 -2.86 -13.03
C GLU A 175 -5.01 -2.50 -14.52
N ARG A 176 -5.80 -1.52 -14.88
CA ARG A 176 -5.95 -1.18 -16.32
C ARG A 176 -4.74 -0.38 -16.70
N LEU A 177 -4.25 0.45 -15.79
CA LEU A 177 -2.96 1.13 -15.99
C LEU A 177 -1.80 0.15 -16.23
N CYS A 178 -1.71 -0.92 -15.40
CA CYS A 178 -0.61 -1.84 -15.53
C CYS A 178 -0.80 -2.63 -16.82
N GLN A 179 -2.03 -2.95 -17.16
CA GLN A 179 -2.27 -3.77 -18.39
C GLN A 179 -1.80 -2.97 -19.62
N ALA A 180 -2.15 -1.68 -19.63
CA ALA A 180 -1.81 -0.84 -20.84
C ALA A 180 -0.35 -0.44 -20.93
N PHE A 181 0.36 -0.30 -19.80
CA PHE A 181 1.66 0.35 -19.79
C PHE A 181 2.77 -0.44 -19.18
N GLY A 182 2.42 -1.52 -18.44
CA GLY A 182 3.41 -2.39 -17.78
C GLY A 182 3.75 -3.68 -18.55
N PRO A 183 4.91 -4.29 -18.25
CA PRO A 183 5.32 -5.51 -18.96
C PRO A 183 4.47 -6.71 -18.57
N ARG A 184 4.03 -7.51 -19.54
CA ARG A 184 3.34 -8.71 -19.27
C ARG A 184 4.24 -9.68 -18.54
N LEU A 185 3.69 -10.28 -17.47
CA LEU A 185 4.42 -11.25 -16.75
C LEU A 185 4.00 -12.69 -17.00
N ILE A 186 2.80 -13.03 -16.59
CA ILE A 186 2.30 -14.39 -16.83
C ILE A 186 0.78 -14.31 -16.79
N GLN A 187 0.13 -15.36 -17.30
CA GLN A 187 -1.31 -15.46 -17.34
C GLN A 187 -1.70 -16.75 -16.59
N LEU A 188 -2.66 -16.58 -15.66
CA LEU A 188 -3.24 -17.72 -14.90
C LEU A 188 -4.72 -17.65 -15.08
N ASP A 189 -5.30 -18.80 -15.50
CA ASP A 189 -6.71 -18.77 -15.92
C ASP A 189 -6.91 -17.68 -16.95
N ASP A 190 -7.88 -16.79 -16.81
CA ASP A 190 -8.08 -15.65 -17.74
C ASP A 190 -7.48 -14.34 -17.28
N VAL A 191 -6.62 -14.42 -16.25
CA VAL A 191 -6.02 -13.22 -15.69
C VAL A 191 -4.57 -13.03 -16.11
N THR A 192 -4.28 -11.89 -16.74
CA THR A 192 -2.91 -11.62 -17.13
C THR A 192 -2.33 -10.63 -16.11
N TYR A 193 -1.18 -11.01 -15.55
CA TYR A 193 -0.54 -10.07 -14.61
C TYR A 193 0.51 -9.29 -15.30
N HIS A 194 0.60 -8.00 -14.92
CA HIS A 194 1.62 -7.11 -15.49
C HIS A 194 2.44 -6.46 -14.37
N GLY A 195 3.69 -6.12 -14.71
CA GLY A 195 4.53 -5.29 -13.79
C GLY A 195 4.01 -3.87 -13.77
N PHE A 196 4.38 -3.15 -12.69
CA PHE A 196 4.00 -1.73 -12.65
C PHE A 196 4.76 -0.96 -13.78
N PRO A 197 4.09 0.00 -14.41
CA PRO A 197 4.80 0.78 -15.49
C PRO A 197 6.04 1.53 -15.01
N SER A 198 7.07 1.63 -15.87
CA SER A 198 8.21 2.51 -15.63
C SER A 198 7.77 4.01 -15.79
N LEU A 199 8.56 4.89 -15.18
CA LEU A 199 8.47 6.36 -15.49
C LEU A 199 8.47 6.71 -16.99
N GLN A 200 9.37 6.05 -17.71
CA GLN A 200 9.41 6.22 -19.16
C GLN A 200 8.11 5.93 -19.84
N ALA A 201 7.46 4.78 -19.51
CA ALA A 201 6.22 4.49 -20.13
C ALA A 201 5.15 5.55 -19.78
N LEU A 202 5.18 5.95 -18.51
CA LEU A 202 4.14 6.82 -18.03
C LEU A 202 4.26 8.26 -18.56
N ALA A 203 5.52 8.61 -18.81
CA ALA A 203 5.93 9.92 -19.36
C ALA A 203 5.79 9.97 -20.86
N GLY A 204 5.40 8.86 -21.49
CA GLY A 204 5.38 8.86 -22.99
C GLY A 204 4.26 9.62 -23.65
N PRO A 205 4.38 9.78 -24.97
CA PRO A 205 3.34 10.48 -25.68
C PRO A 205 1.96 9.86 -25.62
N GLU A 206 0.95 10.70 -25.54
CA GLU A 206 -0.45 10.39 -25.64
C GLU A 206 -0.96 9.54 -24.44
N VAL A 207 -0.14 9.42 -23.41
CA VAL A 207 -0.48 8.58 -22.21
C VAL A 207 -1.74 9.13 -21.54
N GLU A 208 -1.82 10.45 -21.33
CA GLU A 208 -3.04 11.06 -20.75
C GLU A 208 -4.33 10.69 -21.46
N ALA A 209 -4.35 10.81 -22.80
CA ALA A 209 -5.51 10.43 -23.52
C ALA A 209 -5.98 8.95 -23.30
N HIS A 210 -4.98 8.08 -23.31
CA HIS A 210 -5.21 6.63 -23.20
C HIS A 210 -5.72 6.36 -21.75
N LEU A 211 -5.12 7.03 -20.81
CA LEU A 211 -5.62 6.91 -19.42
C LEU A 211 -7.02 7.43 -19.24
N ARG A 212 -7.42 8.49 -19.96
CA ARG A 212 -8.83 8.89 -19.95
C ARG A 212 -9.74 7.83 -20.44
N LYS A 213 -9.36 7.17 -21.55
CA LYS A 213 -10.19 6.12 -22.08
C LYS A 213 -10.22 4.93 -21.15
N LEU A 214 -9.18 4.79 -20.32
CA LEU A 214 -9.21 3.71 -19.23
C LEU A 214 -9.96 4.15 -17.96
N GLY A 215 -10.50 5.39 -17.93
CA GLY A 215 -11.50 5.74 -16.90
C GLY A 215 -10.80 6.36 -15.70
N LEU A 216 -9.58 6.86 -15.84
CA LEU A 216 -8.84 7.50 -14.73
C LEU A 216 -9.39 8.88 -14.36
N GLY A 217 -10.26 9.44 -15.22
CA GLY A 217 -10.88 10.75 -14.97
C GLY A 217 -9.81 11.82 -15.01
N TYR A 218 -9.94 12.86 -14.18
CA TYR A 218 -8.88 13.93 -14.19
C TYR A 218 -7.53 13.55 -13.67
N ARG A 219 -7.37 12.36 -13.04
CA ARG A 219 -6.09 12.00 -12.55
C ARG A 219 -5.15 11.50 -13.68
N ALA A 220 -5.76 11.26 -14.87
CA ALA A 220 -5.02 10.84 -16.10
C ALA A 220 -3.91 11.85 -16.36
N ARG A 221 -4.27 13.15 -16.28
CA ARG A 221 -3.26 14.20 -16.41
C ARG A 221 -2.22 14.23 -15.32
N TYR A 222 -2.65 14.07 -14.04
CA TYR A 222 -1.65 13.98 -13.01
C TYR A 222 -0.59 12.88 -13.16
N VAL A 223 -1.02 11.70 -13.67
CA VAL A 223 -0.09 10.61 -13.79
C VAL A 223 0.99 10.99 -14.86
N SER A 224 0.48 11.46 -16.02
CA SER A 224 1.40 11.88 -17.10
C SER A 224 2.34 13.03 -16.67
N ALA A 225 1.76 14.05 -16.06
CA ALA A 225 2.54 15.19 -15.56
C ALA A 225 3.52 14.90 -14.47
N SER A 226 3.21 13.98 -13.50
CA SER A 226 4.20 13.65 -12.54
C SER A 226 5.35 12.77 -13.01
N ALA A 227 5.02 11.85 -13.94
CA ALA A 227 6.04 11.01 -14.56
C ALA A 227 7.07 11.92 -15.36
N ARG A 228 6.52 12.84 -16.11
CA ARG A 228 7.39 13.86 -16.79
C ARG A 228 8.09 14.75 -15.82
N ALA A 229 7.33 15.29 -14.85
CA ALA A 229 7.93 16.18 -13.88
C ALA A 229 9.06 15.47 -13.25
N ILE A 230 8.88 14.19 -12.87
CA ILE A 230 9.96 13.48 -12.23
C ILE A 230 11.22 13.22 -13.12
N LEU A 231 10.97 12.82 -14.38
CA LEU A 231 12.13 12.50 -15.23
C LEU A 231 12.85 13.73 -15.74
N GLU A 232 12.04 14.75 -16.10
CA GLU A 232 12.52 15.93 -16.82
C GLU A 232 12.76 17.15 -15.96
N GLU A 233 12.34 17.13 -14.69
CA GLU A 233 12.58 18.30 -13.80
C GLU A 233 13.24 17.94 -12.48
N GLN A 234 12.99 16.73 -11.96
CA GLN A 234 13.45 16.39 -10.62
C GLN A 234 14.69 15.54 -10.46
N GLY A 235 15.19 14.91 -11.52
CA GLY A 235 16.39 14.05 -11.36
C GLY A 235 16.12 12.55 -11.53
N GLY A 236 14.95 12.22 -12.03
CA GLY A 236 14.62 10.85 -12.32
C GLY A 236 14.27 10.02 -11.11
N LEU A 237 14.42 8.72 -11.28
CA LEU A 237 14.10 7.73 -10.28
C LEU A 237 14.95 7.93 -9.04
N ALA A 238 16.17 8.40 -9.20
CA ALA A 238 17.09 8.60 -8.07
C ALA A 238 16.52 9.63 -7.09
N TRP A 239 15.88 10.68 -7.61
CA TRP A 239 15.26 11.71 -6.74
C TRP A 239 14.25 11.07 -5.80
N LEU A 240 13.44 10.19 -6.32
CA LEU A 240 12.42 9.54 -5.47
C LEU A 240 13.04 8.53 -4.52
N GLN A 241 13.93 7.70 -5.02
CA GLN A 241 14.48 6.58 -4.26
C GLN A 241 15.24 7.11 -3.06
N GLN A 242 15.97 8.22 -3.26
CA GLN A 242 16.82 8.80 -2.19
C GLN A 242 16.02 9.46 -1.04
N LEU A 243 14.75 9.75 -1.28
CA LEU A 243 13.86 10.18 -0.17
C LEU A 243 13.73 9.13 0.95
N ARG A 244 13.95 7.85 0.67
CA ARG A 244 14.00 6.84 1.72
C ARG A 244 14.97 7.22 2.85
N GLU A 245 16.02 7.98 2.53
CA GLU A 245 17.10 8.22 3.53
C GLU A 245 16.96 9.64 4.02
N SER A 246 16.25 10.48 3.29
CA SER A 246 15.81 11.78 3.82
C SER A 246 14.80 11.73 5.00
N SER A 247 14.76 12.84 5.77
CA SER A 247 13.78 12.96 6.84
C SER A 247 12.34 12.99 6.34
N TYR A 248 11.40 12.54 7.20
CA TYR A 248 10.00 12.73 6.85
C TYR A 248 9.61 14.11 6.34
N GLU A 249 10.04 15.12 7.10
CA GLU A 249 9.76 16.46 6.76
C GLU A 249 10.21 16.83 5.34
N GLU A 250 11.42 16.42 5.00
CA GLU A 250 12.06 16.73 3.70
C GLU A 250 11.36 15.91 2.58
N ALA A 251 11.21 14.59 2.85
CA ALA A 251 10.44 13.70 1.91
C ALA A 251 9.01 14.22 1.58
N HIS A 252 8.22 14.59 2.61
CA HIS A 252 6.89 15.08 2.39
C HIS A 252 6.82 16.34 1.56
N LYS A 253 7.65 17.34 1.94
CA LYS A 253 7.75 18.55 1.18
C LYS A 253 8.21 18.26 -0.30
N ALA A 254 9.18 17.38 -0.48
CA ALA A 254 9.70 17.03 -1.88
C ALA A 254 8.51 16.51 -2.71
N LEU A 255 7.78 15.56 -2.11
CA LEU A 255 6.69 14.96 -2.86
C LEU A 255 5.55 15.90 -3.22
N CYS A 256 5.27 16.92 -2.38
CA CYS A 256 4.13 17.79 -2.72
C CYS A 256 4.34 18.68 -3.96
N ILE A 257 5.55 18.69 -4.54
CA ILE A 257 5.86 19.41 -5.82
C ILE A 257 5.01 18.84 -7.00
N LEU A 258 4.75 17.52 -6.88
CA LEU A 258 4.15 16.75 -7.99
C LEU A 258 2.68 16.95 -8.19
N PRO A 259 2.24 17.01 -9.42
CA PRO A 259 0.87 17.08 -9.85
C PRO A 259 0.05 15.86 -9.29
N GLY A 260 -1.03 16.16 -8.55
CA GLY A 260 -1.98 15.15 -8.02
C GLY A 260 -1.55 14.77 -6.61
N VAL A 261 -0.36 15.18 -6.19
CA VAL A 261 0.16 14.91 -4.85
C VAL A 261 -0.05 16.11 -3.93
N GLY A 262 -0.99 16.00 -2.98
CA GLY A 262 -1.14 16.98 -1.90
C GLY A 262 -0.69 16.37 -0.61
N THR A 263 -1.03 16.99 0.53
CA THR A 263 -0.52 16.51 1.80
C THR A 263 -0.87 15.07 2.17
N CYS A 264 -2.10 14.72 1.86
CA CYS A 264 -2.53 13.36 2.27
C CYS A 264 -1.84 12.27 1.37
N VAL A 265 -1.88 12.47 0.05
CA VAL A 265 -1.16 11.50 -0.87
C VAL A 265 0.29 11.41 -0.54
N ALA A 266 0.90 12.59 -0.26
CA ALA A 266 2.32 12.55 0.16
C ALA A 266 2.62 11.77 1.42
N ASP A 267 1.73 11.96 2.43
CA ASP A 267 1.80 11.17 3.64
C ASP A 267 1.68 9.64 3.40
N LYS A 268 0.73 9.27 2.53
CA LYS A 268 0.60 7.84 2.17
C LYS A 268 1.84 7.27 1.54
N ILE A 269 2.48 8.06 0.66
CA ILE A 269 3.75 7.58 0.10
C ILE A 269 4.90 7.54 1.05
N CYS A 270 4.97 8.59 1.93
CA CYS A 270 5.96 8.56 3.02
C CYS A 270 5.88 7.36 3.90
N LEU A 271 4.62 7.05 4.36
CA LEU A 271 4.38 5.95 5.23
C LEU A 271 4.66 4.56 4.63
N MET A 272 4.18 4.43 3.38
CA MET A 272 3.99 3.12 2.76
C MET A 272 5.14 2.73 1.81
N ALA A 273 5.92 3.72 1.38
CA ALA A 273 7.07 3.37 0.53
C ALA A 273 8.38 3.99 0.97
N LEU A 274 8.35 5.04 1.80
CA LEU A 274 9.63 5.78 2.07
C LEU A 274 10.04 5.71 3.52
N ASP A 275 9.57 4.70 4.25
CA ASP A 275 10.03 4.29 5.57
C ASP A 275 9.88 5.40 6.57
N LYS A 276 8.74 6.11 6.49
CA LYS A 276 8.49 7.17 7.53
C LYS A 276 7.31 6.67 8.41
N PRO A 277 7.61 5.83 9.45
CA PRO A 277 6.47 5.25 10.17
C PRO A 277 5.57 6.31 10.89
N GLN A 278 6.04 7.55 11.02
CA GLN A 278 5.28 8.52 11.79
C GLN A 278 4.34 9.29 10.91
N ALA A 279 4.35 9.07 9.56
CA ALA A 279 3.54 9.82 8.70
C ALA A 279 2.06 9.38 8.87
N VAL A 280 1.16 10.37 9.01
CA VAL A 280 -0.26 10.03 9.18
C VAL A 280 -1.10 10.69 8.11
N PRO A 281 -1.60 9.90 7.13
CA PRO A 281 -2.44 10.52 6.07
C PRO A 281 -3.80 10.91 6.71
N VAL A 282 -4.16 12.16 6.52
CA VAL A 282 -5.39 12.70 7.10
C VAL A 282 -6.35 13.06 5.99
N ASN A 283 -7.49 12.37 5.99
CA ASN A 283 -8.63 12.54 5.10
C ASN A 283 -9.94 12.29 5.86
N VAL A 284 -11.07 12.21 5.17
CA VAL A 284 -12.35 12.26 5.89
C VAL A 284 -12.48 10.97 6.74
N HIS A 285 -11.94 9.82 6.31
CA HIS A 285 -11.96 8.64 7.15
C HIS A 285 -11.32 8.96 8.53
N MET A 286 -10.19 9.65 8.52
CA MET A 286 -9.46 9.92 9.78
C MET A 286 -10.18 10.97 10.64
N TRP A 287 -10.90 11.86 9.99
CA TRP A 287 -11.71 12.85 10.74
C TRP A 287 -12.84 12.10 11.42
N HIS A 288 -13.46 11.16 10.70
CA HIS A 288 -14.57 10.39 11.30
C HIS A 288 -14.06 9.64 12.53
N ILE A 289 -12.95 8.94 12.42
CA ILE A 289 -12.36 8.29 13.56
C ILE A 289 -12.04 9.27 14.71
N ALA A 290 -11.33 10.35 14.40
CA ALA A 290 -10.96 11.34 15.38
C ALA A 290 -12.23 11.81 16.13
N GLN A 291 -13.29 12.21 15.41
CA GLN A 291 -14.49 12.77 16.10
C GLN A 291 -15.29 11.72 16.82
N ARG A 292 -15.48 10.57 16.22
CA ARG A 292 -16.29 9.53 16.82
C ARG A 292 -15.58 8.93 18.04
N ASP A 293 -14.29 8.63 17.93
CA ASP A 293 -13.69 7.76 18.95
C ASP A 293 -12.76 8.53 19.89
N TYR A 294 -12.52 9.81 19.63
CA TYR A 294 -11.63 10.65 20.50
C TYR A 294 -12.25 11.99 20.87
N SER A 295 -13.43 12.28 20.30
CA SER A 295 -14.11 13.57 20.49
C SER A 295 -13.17 14.72 20.15
N TRP A 296 -12.28 14.50 19.15
CA TRP A 296 -11.34 15.53 18.76
C TRP A 296 -11.98 16.71 18.02
N HIS A 297 -11.38 17.86 18.29
CA HIS A 297 -11.66 19.07 17.50
C HIS A 297 -10.41 19.85 17.38
N PRO A 298 -10.29 20.68 16.31
CA PRO A 298 -9.12 21.54 16.16
C PRO A 298 -9.06 22.60 17.29
N THR A 299 -7.85 22.86 17.77
CA THR A 299 -7.50 23.88 18.81
C THR A 299 -6.87 25.11 18.16
N THR A 300 -5.98 24.90 17.18
CA THR A 300 -5.03 25.95 16.81
C THR A 300 -5.48 26.56 15.50
N SER A 301 -6.64 26.12 15.04
CA SER A 301 -7.35 26.78 13.97
C SER A 301 -8.81 27.08 14.34
N GLN A 302 -9.32 28.10 13.65
CA GLN A 302 -10.71 28.54 13.71
C GLN A 302 -11.68 27.57 12.99
N ALA A 303 -11.19 26.94 11.91
CA ALA A 303 -12.02 26.05 11.06
C ALA A 303 -12.55 24.85 11.83
N LYS A 304 -13.78 24.46 11.50
CA LYS A 304 -14.45 23.37 12.21
C LYS A 304 -14.30 22.06 11.48
N GLY A 305 -13.82 22.14 10.25
CA GLY A 305 -13.78 21.00 9.37
C GLY A 305 -12.45 20.93 8.67
N PRO A 306 -12.33 19.92 7.79
CA PRO A 306 -11.06 19.70 7.11
C PRO A 306 -10.65 20.95 6.31
N SER A 307 -9.38 21.34 6.46
CA SER A 307 -8.74 22.46 5.84
C SER A 307 -7.24 22.14 5.91
N PRO A 308 -6.35 22.88 5.21
CA PRO A 308 -4.94 22.54 5.37
C PRO A 308 -4.42 22.64 6.79
N GLN A 309 -4.83 23.67 7.51
CA GLN A 309 -4.41 23.83 8.90
C GLN A 309 -5.01 22.74 9.83
N THR A 310 -6.29 22.42 9.69
CA THR A 310 -6.94 21.48 10.63
C THR A 310 -6.42 20.05 10.34
N ASN A 311 -6.26 19.73 9.07
CA ASN A 311 -5.67 18.41 8.74
C ASN A 311 -4.28 18.24 9.29
N LYS A 312 -3.50 19.33 9.23
CA LYS A 312 -2.13 19.29 9.77
C LYS A 312 -2.19 19.08 11.30
N GLU A 313 -3.11 19.81 11.94
CA GLU A 313 -3.26 19.64 13.41
C GLU A 313 -3.66 18.19 13.74
N LEU A 314 -4.54 17.62 12.93
CA LEU A 314 -5.02 16.25 13.23
C LEU A 314 -3.89 15.24 13.09
N GLY A 315 -3.09 15.38 12.01
CA GLY A 315 -1.95 14.48 11.91
C GLY A 315 -1.00 14.57 13.13
N ASN A 316 -0.75 15.81 13.59
CA ASN A 316 0.04 15.96 14.80
C ASN A 316 -0.59 15.38 16.07
N PHE A 317 -1.92 15.45 16.17
CA PHE A 317 -2.63 14.82 17.27
C PHE A 317 -2.40 13.33 17.27
N PHE A 318 -2.53 12.65 16.08
CA PHE A 318 -2.24 11.20 16.07
C PHE A 318 -0.78 10.84 16.39
N ARG A 319 0.20 11.69 15.99
CA ARG A 319 1.58 11.39 16.38
C ARG A 319 1.78 11.54 17.89
N SER A 320 1.12 12.57 18.45
CA SER A 320 1.29 12.82 19.89
C SER A 320 0.65 11.64 20.66
N LEU A 321 -0.42 11.05 20.13
CA LEU A 321 -1.14 9.96 20.77
C LEU A 321 -0.35 8.65 20.68
N TRP A 322 0.13 8.34 19.46
CA TRP A 322 0.70 7.02 19.25
C TRP A 322 2.23 6.90 19.17
N GLY A 323 2.91 7.99 18.88
CA GLY A 323 4.37 8.01 18.84
C GLY A 323 4.91 7.71 17.45
N PRO A 324 6.15 7.17 17.44
CA PRO A 324 6.85 7.33 16.18
C PRO A 324 6.38 6.35 15.11
N TYR A 325 5.51 5.39 15.49
CA TYR A 325 4.91 4.50 14.46
C TYR A 325 3.42 4.85 14.36
N ALA A 326 3.06 6.12 14.50
CA ALA A 326 1.66 6.54 14.44
C ALA A 326 1.01 6.18 13.09
N GLY A 327 1.82 6.16 12.00
CA GLY A 327 1.13 5.92 10.74
C GLY A 327 0.78 4.44 10.72
N TRP A 328 1.54 3.55 11.35
CA TRP A 328 1.13 2.17 11.43
C TRP A 328 -0.18 2.01 12.20
N ALA A 329 -0.33 2.73 13.32
CA ALA A 329 -1.55 2.60 14.09
C ALA A 329 -2.72 3.16 13.29
N GLN A 330 -2.51 4.28 12.58
CA GLN A 330 -3.53 4.77 11.66
C GLN A 330 -3.99 3.68 10.68
N ALA A 331 -3.04 2.85 10.19
CA ALA A 331 -3.47 1.80 9.25
C ALA A 331 -4.36 0.76 9.89
N VAL A 332 -4.18 0.44 11.20
CA VAL A 332 -5.09 -0.47 11.90
C VAL A 332 -6.49 0.18 11.96
N LEU A 333 -6.59 1.46 12.39
CA LEU A 333 -7.94 2.01 12.57
C LEU A 333 -8.57 2.25 11.23
N PHE A 334 -7.76 2.57 10.21
CA PHE A 334 -8.36 2.80 8.86
C PHE A 334 -8.91 1.46 8.34
N SER A 335 -8.14 0.37 8.43
CA SER A 335 -8.62 -1.00 8.02
C SER A 335 -9.89 -1.37 8.78
N ALA A 336 -9.90 -1.11 10.09
CA ALA A 336 -11.16 -1.29 10.84
C ALA A 336 -12.35 -0.40 10.39
N ASP A 337 -12.12 0.82 9.90
CA ASP A 337 -13.16 1.79 9.51
C ASP A 337 -13.84 1.30 8.23
N LEU A 338 -13.08 0.65 7.36
CA LEU A 338 -13.61 0.10 6.13
C LEU A 338 -14.58 -1.06 6.40
N ARG A 339 -14.36 -1.86 7.45
CA ARG A 339 -15.26 -2.99 7.79
C ARG A 339 -16.52 -2.52 8.52
N GLN A 340 -17.44 -1.89 7.78
CA GLN A 340 -18.67 -1.32 8.33
C GLN A 340 -19.91 -2.20 8.08
P 8OG C 8 -12.95 4.50 0.48
OP1 8OG C 8 -12.58 3.32 -0.34
OP2 8OG C 8 -13.74 4.18 1.79
O5' 8OG C 8 -11.61 5.31 0.94
C5' 8OG C 8 -10.69 5.79 -0.05
C4' 8OG C 8 -10.08 7.12 0.42
O4' 8OG C 8 -9.09 6.77 1.40
C3' 8OG C 8 -9.30 7.81 -0.71
O3' 8OG C 8 -9.05 9.15 -0.27
C2' 8OG C 8 -7.98 7.08 -0.67
C1' 8OG C 8 -7.76 6.97 0.86
N9 8OG C 8 -6.93 5.87 1.30
C8 8OG C 8 -6.47 4.72 0.76
N7 8OG C 8 -5.62 4.00 1.53
C5 8OG C 8 -5.56 4.79 2.72
C6 8OG C 8 -4.88 4.60 3.92
O6 8OG C 8 -4.18 3.62 4.14
N1 8OG C 8 -5.00 5.60 4.85
C2 8OG C 8 -5.79 6.67 4.59
N2 8OG C 8 -5.99 7.59 5.65
N3 8OG C 8 -6.51 6.89 3.46
C4 8OG C 8 -6.37 5.89 2.52
O8 8OG C 8 -6.86 4.31 -0.43
CA CA D . 1.15 18.96 -5.66
CA CA E . -13.48 11.75 -1.15
#